data_6BTI
#
_entry.id   6BTI
#
_cell.length_a   58.239
_cell.length_b   67.630
_cell.length_c   87.230
_cell.angle_alpha   90.00
_cell.angle_beta   90.00
_cell.angle_gamma   90.00
#
_symmetry.space_group_name_H-M   'P 21 21 21'
#
loop_
_entity.id
_entity.type
_entity.pdbx_description
1 polymer 'Retinol-binding protein 2'
2 non-polymer (5Z,8Z,11Z,14Z)-N-(2-hydroxyethyl)icosa-5,8,11,14-tetraenamide
3 non-polymer DI(HYDROXYETHYL)ETHER
4 water water
#
_entity_poly.entity_id   1
_entity_poly.type   'polypeptide(L)'
_entity_poly.pdbx_seq_one_letter_code
;MTRDQNGTWEMESNENFEGYMKALDIDFATRKIAVRLTQTKVIDQDGDNFKTKTTSTFRNYDVDFTVGVEFDEYTKSLDN
RHVKALVTWEGDVLVCVQKGEKENRGWKQWIEGDKLYLELTCGDQVCRQVFKKKLVPR
;
_entity_poly.pdbx_strand_id   A,B
#
loop_
_chem_comp.id
_chem_comp.type
_chem_comp.name
_chem_comp.formula
E7Y non-polymer (5Z,8Z,11Z,14Z)-N-(2-hydroxyethyl)icosa-5,8,11,14-tetraenamide 'C22 H37 N O2'
PEG non-polymer DI(HYDROXYETHYL)ETHER 'C4 H10 O3'
#
# COMPACT_ATOMS: atom_id res chain seq x y z
N MET A 1 -32.17 18.03 -3.45
CA MET A 1 -30.95 18.61 -4.08
C MET A 1 -29.83 18.81 -3.05
N THR A 2 -29.10 17.73 -2.76
CA THR A 2 -28.03 17.73 -1.77
C THR A 2 -26.70 17.29 -2.38
N ARG A 3 -26.52 17.49 -3.68
CA ARG A 3 -25.25 17.18 -4.31
C ARG A 3 -24.14 18.18 -4.01
N ASP A 4 -24.44 19.31 -3.38
CA ASP A 4 -23.42 20.32 -3.11
C ASP A 4 -22.66 19.95 -1.85
N GLN A 5 -21.43 19.47 -2.03
CA GLN A 5 -20.59 19.01 -0.94
C GLN A 5 -19.48 20.00 -0.61
N ASN A 6 -19.55 21.22 -1.17
CA ASN A 6 -18.52 22.23 -0.88
C ASN A 6 -18.38 22.45 0.62
N GLY A 7 -17.12 22.63 1.05
CA GLY A 7 -16.83 23.00 2.41
C GLY A 7 -15.57 22.41 2.96
N THR A 8 -15.29 22.78 4.20
CA THR A 8 -14.24 22.18 5.00
C THR A 8 -14.93 21.35 6.07
N TRP A 9 -14.48 20.09 6.18
CA TRP A 9 -15.16 19.07 6.95
C TRP A 9 -14.17 18.43 7.91
N GLU A 10 -14.54 18.33 9.19
CA GLU A 10 -13.67 17.81 10.23
CA GLU A 10 -13.67 17.83 10.24
C GLU A 10 -14.20 16.49 10.75
N MET A 11 -13.34 15.48 10.75
CA MET A 11 -13.75 14.16 11.15
C MET A 11 -14.22 14.11 12.60
N GLU A 12 -15.36 13.45 12.82
CA GLU A 12 -15.82 13.17 14.17
C GLU A 12 -15.83 11.67 14.53
N SER A 13 -15.82 10.78 13.53
CA SER A 13 -15.70 9.36 13.80
C SER A 13 -15.09 8.67 12.59
N ASN A 14 -14.53 7.48 12.85
CA ASN A 14 -13.73 6.76 11.87
C ASN A 14 -13.82 5.29 12.29
N GLU A 15 -14.86 4.62 11.84
CA GLU A 15 -15.13 3.25 12.23
C GLU A 15 -14.46 2.26 11.30
N ASN A 16 -13.69 1.34 11.88
CA ASN A 16 -13.03 0.26 11.17
C ASN A 16 -12.03 0.78 10.13
N PHE A 17 -11.42 1.92 10.39
CA PHE A 17 -10.27 2.32 9.58
C PHE A 17 -9.15 1.30 9.67
N GLU A 18 -8.98 0.67 10.86
CA GLU A 18 -7.96 -0.38 11.02
C GLU A 18 -8.17 -1.52 10.01
N GLY A 19 -9.40 -2.02 9.89
CA GLY A 19 -9.65 -3.15 9.02
C GLY A 19 -9.50 -2.79 7.55
N TYR A 20 -9.97 -1.60 7.18
CA TYR A 20 -9.80 -1.11 5.80
C TYR A 20 -8.33 -1.02 5.45
N MET A 21 -7.52 -0.45 6.34
CA MET A 21 -6.09 -0.36 6.08
C MET A 21 -5.47 -1.74 5.98
N LYS A 22 -5.86 -2.66 6.86
CA LYS A 22 -5.26 -3.99 6.80
C LYS A 22 -5.61 -4.69 5.48
N ALA A 23 -6.84 -4.49 4.99
CA ALA A 23 -7.26 -5.03 3.68
C ALA A 23 -6.43 -4.46 2.53
N LEU A 24 -5.92 -3.24 2.68
CA LEU A 24 -5.03 -2.63 1.69
C LEU A 24 -3.55 -3.00 1.90
N ASP A 25 -3.26 -3.86 2.87
CA ASP A 25 -1.89 -4.32 3.15
C ASP A 25 -0.99 -3.23 3.73
N ILE A 26 -1.55 -2.24 4.40
CA ILE A 26 -0.74 -1.24 5.08
C ILE A 26 -0.04 -1.89 6.26
N ASP A 27 1.26 -1.66 6.40
CA ASP A 27 2.03 -2.32 7.46
C ASP A 27 1.60 -1.78 8.82
N PHE A 28 1.85 -2.59 9.87
CA PHE A 28 1.32 -2.27 11.19
CA PHE A 28 1.41 -2.33 11.25
C PHE A 28 1.90 -0.98 11.76
N ALA A 29 3.16 -0.65 11.45
CA ALA A 29 3.73 0.60 11.99
C ALA A 29 3.01 1.80 11.41
N THR A 30 2.72 1.77 10.11
CA THR A 30 1.97 2.83 9.48
C THR A 30 0.55 2.90 10.03
N ARG A 31 -0.09 1.74 10.19
CA ARG A 31 -1.45 1.71 10.74
C ARG A 31 -1.50 2.30 12.14
N LYS A 32 -0.44 2.05 12.93
CA LYS A 32 -0.43 2.49 14.33
C LYS A 32 -0.56 4.00 14.43
N ILE A 33 0.12 4.73 13.54
CA ILE A 33 0.02 6.17 13.50
C ILE A 33 -1.30 6.59 12.86
N ALA A 34 -1.62 6.00 11.70
CA ALA A 34 -2.72 6.49 10.88
C ALA A 34 -4.06 6.36 11.59
N VAL A 35 -4.26 5.30 12.38
CA VAL A 35 -5.56 5.06 12.99
C VAL A 35 -5.93 6.11 14.02
N ARG A 36 -4.95 6.84 14.54
CA ARG A 36 -5.18 7.77 15.65
C ARG A 36 -5.59 9.17 15.20
N LEU A 37 -5.55 9.46 13.91
CA LEU A 37 -5.56 10.83 13.45
C LEU A 37 -6.95 11.31 13.09
N THR A 38 -7.21 12.57 13.43
CA THR A 38 -8.38 13.27 12.95
C THR A 38 -8.06 13.82 11.57
N GLN A 39 -8.88 13.48 10.58
CA GLN A 39 -8.68 13.96 9.22
C GLN A 39 -9.55 15.17 8.95
N THR A 40 -9.08 16.03 8.06
CA THR A 40 -9.87 17.14 7.56
C THR A 40 -10.00 16.98 6.04
N LYS A 41 -11.19 17.27 5.52
CA LYS A 41 -11.46 17.18 4.09
C LYS A 41 -11.94 18.54 3.59
N VAL A 42 -11.28 19.05 2.57
CA VAL A 42 -11.68 20.26 1.87
C VAL A 42 -12.17 19.86 0.49
N ILE A 43 -13.39 20.25 0.17
CA ILE A 43 -14.02 19.97 -1.10
C ILE A 43 -14.33 21.29 -1.78
N ASP A 44 -13.77 21.48 -2.97
CA ASP A 44 -14.00 22.61 -3.86
C ASP A 44 -14.70 22.02 -5.07
N GLN A 45 -16.01 22.25 -5.15
CA GLN A 45 -16.88 21.62 -6.14
C GLN A 45 -17.55 22.68 -7.00
N ASP A 46 -17.49 22.50 -8.32
CA ASP A 46 -18.19 23.32 -9.30
C ASP A 46 -18.99 22.36 -10.19
N GLY A 47 -20.27 22.18 -9.88
CA GLY A 47 -21.08 21.23 -10.61
C GLY A 47 -20.60 19.81 -10.41
N ASP A 48 -20.17 19.17 -11.50
CA ASP A 48 -19.62 17.81 -11.48
C ASP A 48 -18.10 17.81 -11.40
N ASN A 49 -17.46 18.97 -11.27
CA ASN A 49 -16.01 19.06 -11.13
C ASN A 49 -15.64 19.20 -9.66
N PHE A 50 -14.84 18.27 -9.18
CA PHE A 50 -14.40 18.21 -7.79
C PHE A 50 -12.89 18.34 -7.69
N LYS A 51 -12.45 19.13 -6.72
CA LYS A 51 -11.07 19.15 -6.26
C LYS A 51 -11.12 18.89 -4.75
N THR A 52 -10.49 17.81 -4.32
CA THR A 52 -10.57 17.38 -2.93
C THR A 52 -9.19 17.25 -2.33
N LYS A 53 -9.07 17.66 -1.08
CA LYS A 53 -7.85 17.54 -0.31
C LYS A 53 -8.22 16.97 1.04
N THR A 54 -7.55 15.89 1.42
CA THR A 54 -7.73 15.26 2.72
C THR A 54 -6.42 15.37 3.47
N THR A 55 -6.45 15.95 4.66
CA THR A 55 -5.23 16.28 5.39
C THR A 55 -5.21 15.68 6.79
N SER A 56 -3.99 15.46 7.25
CA SER A 56 -3.71 15.02 8.61
C SER A 56 -2.28 15.40 8.91
N THR A 57 -1.91 15.28 10.18
CA THR A 57 -0.55 15.60 10.59
C THR A 57 0.47 14.61 10.02
N PHE A 58 0.04 13.45 9.54
CA PHE A 58 0.94 12.36 9.12
C PHE A 58 1.06 12.24 7.61
N ARG A 59 -0.06 12.31 6.90
CA ARG A 59 -0.09 12.23 5.44
C ARG A 59 -1.24 13.10 4.93
N ASN A 60 -1.08 13.56 3.70
CA ASN A 60 -2.13 14.29 2.99
C ASN A 60 -2.38 13.60 1.67
N TYR A 61 -3.60 13.77 1.12
CA TYR A 61 -3.98 13.11 -0.13
C TYR A 61 -4.95 13.98 -0.91
N ASP A 62 -4.57 14.32 -2.13
CA ASP A 62 -5.42 15.11 -3.02
C ASP A 62 -5.92 14.24 -4.16
N VAL A 63 -7.19 14.43 -4.52
CA VAL A 63 -7.73 13.78 -5.71
C VAL A 63 -8.79 14.68 -6.32
N ASP A 64 -8.64 14.93 -7.62
CA ASP A 64 -9.54 15.75 -8.42
C ASP A 64 -10.17 14.87 -9.48
N PHE A 65 -11.44 15.11 -9.78
CA PHE A 65 -12.16 14.33 -10.78
C PHE A 65 -13.37 15.08 -11.26
N THR A 66 -13.87 14.65 -12.41
CA THR A 66 -15.17 15.04 -12.92
C THR A 66 -16.07 13.82 -12.86
N VAL A 67 -17.26 14.00 -12.28
CA VAL A 67 -18.22 12.90 -12.23
C VAL A 67 -18.50 12.41 -13.64
N GLY A 68 -18.43 11.09 -13.83
CA GLY A 68 -18.69 10.45 -15.11
C GLY A 68 -17.48 10.24 -16.01
N VAL A 69 -16.31 10.72 -15.63
CA VAL A 69 -15.10 10.66 -16.43
C VAL A 69 -14.08 9.77 -15.72
N GLU A 70 -13.85 8.58 -16.26
CA GLU A 70 -12.86 7.69 -15.67
C GLU A 70 -11.48 8.33 -15.69
N PHE A 71 -10.71 8.08 -14.63
CA PHE A 71 -9.38 8.66 -14.50
C PHE A 71 -8.41 7.66 -13.90
N ASP A 72 -7.12 7.95 -14.08
CA ASP A 72 -6.05 7.17 -13.47
C ASP A 72 -5.79 7.75 -12.09
N GLU A 73 -5.92 6.91 -11.06
CA GLU A 73 -5.67 7.30 -9.67
C GLU A 73 -4.50 6.51 -9.12
N TYR A 74 -3.49 7.25 -8.64
CA TYR A 74 -2.35 6.70 -7.93
C TYR A 74 -2.45 7.14 -6.47
N THR A 75 -2.60 6.17 -5.56
CA THR A 75 -2.92 6.49 -4.17
C THR A 75 -1.65 6.82 -3.38
N LYS A 76 -0.96 7.85 -3.86
CA LYS A 76 0.36 8.25 -3.34
C LYS A 76 0.33 8.53 -1.85
N SER A 77 1.25 7.91 -1.12
N SER A 77 1.25 7.90 -1.13
CA SER A 77 1.42 8.05 0.32
CA SER A 77 1.46 8.02 0.30
C SER A 77 0.28 7.42 1.11
C SER A 77 0.42 7.25 1.11
N LEU A 78 -0.58 6.65 0.46
CA LEU A 78 -1.57 5.81 1.12
C LEU A 78 -1.08 4.38 0.96
N ASP A 79 -1.71 3.57 0.10
CA ASP A 79 -1.20 2.25 -0.23
C ASP A 79 -0.38 2.26 -1.52
N ASN A 80 -0.28 3.40 -2.20
CA ASN A 80 0.61 3.54 -3.36
C ASN A 80 0.28 2.55 -4.47
N ARG A 81 -1.00 2.45 -4.81
CA ARG A 81 -1.48 1.62 -5.91
C ARG A 81 -2.06 2.47 -7.02
N HIS A 82 -2.03 1.88 -8.21
CA HIS A 82 -2.65 2.44 -9.41
C HIS A 82 -3.96 1.73 -9.67
N VAL A 83 -5.01 2.53 -9.88
CA VAL A 83 -6.35 2.05 -10.18
C VAL A 83 -6.94 2.91 -11.30
N LYS A 84 -7.97 2.37 -11.94
CA LYS A 84 -8.85 3.14 -12.79
C LYS A 84 -10.03 3.50 -11.91
N ALA A 85 -10.28 4.79 -11.73
CA ALA A 85 -11.34 5.27 -10.86
C ALA A 85 -12.45 5.91 -11.69
N LEU A 86 -13.69 5.63 -11.32
CA LEU A 86 -14.84 6.28 -11.93
C LEU A 86 -15.79 6.71 -10.83
N VAL A 87 -16.14 8.00 -10.83
CA VAL A 87 -17.10 8.55 -9.88
C VAL A 87 -18.40 8.81 -10.62
N THR A 88 -19.50 8.34 -10.05
CA THR A 88 -20.84 8.53 -10.59
C THR A 88 -21.76 9.06 -9.51
N TRP A 89 -22.93 9.58 -9.93
CA TRP A 89 -23.98 9.90 -8.96
C TRP A 89 -24.97 8.76 -8.92
N GLU A 90 -25.32 8.35 -7.70
CA GLU A 90 -26.46 7.47 -7.45
C GLU A 90 -27.39 8.29 -6.57
N GLY A 91 -28.38 8.89 -7.19
CA GLY A 91 -29.12 9.93 -6.49
C GLY A 91 -28.20 11.09 -6.19
N ASP A 92 -28.15 11.46 -4.91
CA ASP A 92 -27.21 12.48 -4.45
C ASP A 92 -26.01 11.88 -3.73
N VAL A 93 -25.78 10.58 -3.87
CA VAL A 93 -24.61 9.90 -3.32
C VAL A 93 -23.54 9.83 -4.38
N LEU A 94 -22.34 10.29 -4.04
CA LEU A 94 -21.20 10.19 -4.92
C LEU A 94 -20.58 8.81 -4.73
N VAL A 95 -20.50 8.03 -5.81
CA VAL A 95 -20.04 6.64 -5.77
C VAL A 95 -18.77 6.54 -6.61
N CYS A 96 -17.74 5.93 -6.05
CA CYS A 96 -16.49 5.71 -6.75
C CYS A 96 -16.16 4.23 -6.76
N VAL A 97 -15.84 3.69 -7.94
CA VAL A 97 -15.28 2.35 -8.12
C VAL A 97 -13.82 2.53 -8.49
N GLN A 98 -12.93 1.85 -7.75
CA GLN A 98 -11.48 1.90 -7.96
C GLN A 98 -11.08 0.51 -8.47
N LYS A 99 -11.07 0.34 -9.80
CA LYS A 99 -10.78 -0.97 -10.39
C LYS A 99 -9.27 -1.20 -10.47
N GLY A 100 -8.83 -2.33 -9.93
CA GLY A 100 -7.42 -2.64 -9.84
C GLY A 100 -7.19 -4.00 -9.20
N GLU A 101 -6.09 -4.12 -8.49
CA GLU A 101 -5.72 -5.44 -7.97
C GLU A 101 -6.51 -5.85 -6.75
N LYS A 102 -7.12 -4.92 -6.01
CA LYS A 102 -7.99 -5.27 -4.91
C LYS A 102 -9.44 -5.38 -5.36
N GLU A 103 -10.09 -6.48 -5.02
CA GLU A 103 -11.51 -6.65 -5.29
C GLU A 103 -12.38 -5.76 -4.40
N ASN A 104 -13.50 -5.29 -4.96
CA ASN A 104 -14.52 -4.56 -4.22
C ASN A 104 -13.93 -3.34 -3.52
N ARG A 105 -13.18 -2.55 -4.27
CA ARG A 105 -12.54 -1.35 -3.76
C ARG A 105 -13.25 -0.12 -4.30
N GLY A 106 -13.64 0.77 -3.40
CA GLY A 106 -14.34 1.98 -3.81
C GLY A 106 -14.71 2.80 -2.61
N TRP A 107 -15.55 3.81 -2.84
CA TRP A 107 -16.05 4.62 -1.72
C TRP A 107 -17.36 5.28 -2.12
N LYS A 108 -18.08 5.75 -1.12
CA LYS A 108 -19.33 6.47 -1.34
C LYS A 108 -19.36 7.65 -0.38
N GLN A 109 -19.81 8.79 -0.88
CA GLN A 109 -19.75 10.04 -0.10
C GLN A 109 -21.02 10.85 -0.31
N TRP A 110 -21.64 11.28 0.80
CA TRP A 110 -22.90 12.00 0.71
C TRP A 110 -23.09 12.91 1.93
N ILE A 111 -24.05 13.85 1.79
CA ILE A 111 -24.40 14.85 2.79
C ILE A 111 -25.69 14.44 3.48
N GLU A 112 -25.74 14.62 4.81
CA GLU A 112 -27.00 14.63 5.57
C GLU A 112 -26.90 15.67 6.69
N GLY A 113 -27.78 16.67 6.66
CA GLY A 113 -27.71 17.71 7.68
C GLY A 113 -26.46 18.53 7.47
N ASP A 114 -25.71 18.70 8.55
CA ASP A 114 -24.42 19.36 8.52
C ASP A 114 -23.30 18.35 8.59
N LYS A 115 -23.57 17.11 8.18
CA LYS A 115 -22.59 16.03 8.23
C LYS A 115 -22.29 15.52 6.83
N LEU A 116 -21.03 15.18 6.63
N LEU A 116 -21.02 15.17 6.61
CA LEU A 116 -20.60 14.47 5.44
CA LEU A 116 -20.59 14.48 5.40
C LEU A 116 -20.25 13.04 5.85
C LEU A 116 -20.20 13.06 5.80
N TYR A 117 -20.78 12.08 5.10
CA TYR A 117 -20.51 10.66 5.32
C TYR A 117 -19.61 10.17 4.20
N LEU A 118 -18.61 9.40 4.59
CA LEU A 118 -17.72 8.75 3.63
C LEU A 118 -17.55 7.29 4.04
N GLU A 119 -17.98 6.38 3.17
N GLU A 119 -17.98 6.36 3.19
CA GLU A 119 -17.84 4.94 3.37
CA GLU A 119 -17.81 4.94 3.46
C GLU A 119 -16.77 4.46 2.41
C GLU A 119 -16.82 4.37 2.45
N LEU A 120 -15.68 3.88 2.94
CA LEU A 120 -14.61 3.33 2.12
C LEU A 120 -14.64 1.81 2.22
N THR A 121 -14.57 1.13 1.07
N THR A 121 -14.52 1.13 1.09
CA THR A 121 -14.59 -0.32 1.03
CA THR A 121 -14.61 -0.32 1.05
C THR A 121 -13.33 -0.87 0.39
C THR A 121 -13.40 -0.91 0.35
N CYS A 122 -12.89 -2.01 0.91
CA CYS A 122 -11.88 -2.81 0.23
C CYS A 122 -12.13 -4.25 0.63
N GLY A 123 -12.43 -5.11 -0.34
CA GLY A 123 -12.65 -6.50 0.00
C GLY A 123 -13.87 -6.62 0.89
N ASP A 124 -13.69 -7.31 2.03
CA ASP A 124 -14.79 -7.49 2.98
C ASP A 124 -14.77 -6.46 4.12
N GLN A 125 -14.01 -5.37 3.96
CA GLN A 125 -13.85 -4.37 5.01
C GLN A 125 -14.48 -3.06 4.57
N VAL A 126 -15.32 -2.51 5.44
CA VAL A 126 -15.96 -1.21 5.25
C VAL A 126 -15.51 -0.30 6.39
N CYS A 127 -15.06 0.90 6.05
CA CYS A 127 -14.71 1.94 7.00
C CYS A 127 -15.75 3.04 6.84
N ARG A 128 -16.33 3.50 7.96
CA ARG A 128 -17.39 4.51 7.91
C ARG A 128 -16.88 5.75 8.64
N GLN A 129 -16.76 6.84 7.92
CA GLN A 129 -16.28 8.09 8.48
C GLN A 129 -17.41 9.11 8.45
N VAL A 130 -17.47 9.93 9.50
CA VAL A 130 -18.43 11.02 9.57
C VAL A 130 -17.66 12.31 9.87
N PHE A 131 -18.01 13.38 9.15
CA PHE A 131 -17.38 14.68 9.25
C PHE A 131 -18.43 15.74 9.54
N LYS A 132 -18.07 16.72 10.37
CA LYS A 132 -18.92 17.86 10.67
CA LYS A 132 -18.93 17.86 10.65
C LYS A 132 -18.41 19.08 9.91
N LYS A 133 -19.33 19.86 9.38
CA LYS A 133 -18.93 21.03 8.62
C LYS A 133 -18.30 22.06 9.55
N LYS A 134 -17.18 22.61 9.12
CA LYS A 134 -16.53 23.67 9.87
C LYS A 134 -17.13 25.02 9.46
N LEU A 135 -17.29 25.89 10.46
CA LEU A 135 -17.79 27.24 10.21
C LEU A 135 -16.71 28.15 9.64
N VAL A 136 -17.12 28.96 8.66
CA VAL A 136 -16.22 29.81 7.90
C VAL A 136 -16.29 31.25 8.44
N MET B 1 1.90 -10.82 15.32
CA MET B 1 3.19 -10.23 14.83
C MET B 1 4.37 -10.76 15.65
N THR B 2 5.50 -10.94 14.98
CA THR B 2 6.74 -11.32 15.66
C THR B 2 7.90 -10.86 14.80
N ARG B 3 9.04 -10.61 15.44
CA ARG B 3 10.28 -10.35 14.73
C ARG B 3 10.99 -11.61 14.26
N ASP B 4 10.52 -12.79 14.65
CA ASP B 4 11.19 -14.03 14.29
C ASP B 4 10.75 -14.42 12.89
N GLN B 5 11.64 -14.25 11.91
CA GLN B 5 11.35 -14.57 10.51
C GLN B 5 12.03 -15.86 10.06
N ASN B 6 12.58 -16.63 10.99
CA ASN B 6 13.26 -17.86 10.62
C ASN B 6 12.32 -18.81 9.90
N GLY B 7 12.85 -19.45 8.87
CA GLY B 7 12.11 -20.50 8.22
C GLY B 7 12.28 -20.54 6.73
N THR B 8 11.56 -21.48 6.12
CA THR B 8 11.42 -21.61 4.68
C THR B 8 10.00 -21.22 4.35
N TRP B 9 9.84 -20.31 3.39
CA TRP B 9 8.56 -19.67 3.12
C TRP B 9 8.29 -19.78 1.63
N GLU B 10 7.09 -20.24 1.26
CA GLU B 10 6.77 -20.49 -0.15
C GLU B 10 5.68 -19.54 -0.62
N MET B 11 5.92 -18.94 -1.78
CA MET B 11 5.03 -17.91 -2.28
C MET B 11 3.64 -18.45 -2.55
N GLU B 12 2.63 -17.72 -2.09
CA GLU B 12 1.26 -18.03 -2.44
C GLU B 12 0.57 -16.95 -3.27
N SER B 13 1.08 -15.72 -3.28
CA SER B 13 0.53 -14.69 -4.15
C SER B 13 1.59 -13.63 -4.45
N ASN B 14 1.37 -12.90 -5.57
CA ASN B 14 2.38 -12.01 -6.12
C ASN B 14 1.65 -10.94 -6.92
N GLU B 15 1.40 -9.78 -6.30
CA GLU B 15 0.65 -8.69 -6.90
C GLU B 15 1.58 -7.62 -7.47
N ASN B 16 1.41 -7.31 -8.74
CA ASN B 16 2.16 -6.23 -9.41
C ASN B 16 3.68 -6.46 -9.39
N PHE B 17 4.12 -7.71 -9.44
CA PHE B 17 5.54 -7.98 -9.65
C PHE B 17 5.99 -7.44 -11.00
N GLU B 18 5.10 -7.44 -12.00
CA GLU B 18 5.51 -6.93 -13.30
CA GLU B 18 5.42 -6.90 -13.33
C GLU B 18 5.74 -5.41 -13.24
N GLY B 19 4.95 -4.67 -12.46
CA GLY B 19 5.19 -3.25 -12.35
C GLY B 19 6.48 -2.93 -11.62
N TYR B 20 6.76 -3.68 -10.56
CA TYR B 20 8.02 -3.52 -9.84
C TYR B 20 9.20 -3.81 -10.76
N MET B 21 9.15 -4.95 -11.48
CA MET B 21 10.23 -5.30 -12.41
C MET B 21 10.40 -4.24 -13.49
N LYS B 22 9.28 -3.73 -14.03
CA LYS B 22 9.39 -2.73 -15.09
C LYS B 22 10.02 -1.44 -14.58
N ALA B 23 9.69 -1.07 -13.33
CA ALA B 23 10.31 0.09 -12.71
C ALA B 23 11.81 -0.09 -12.58
N LEU B 24 12.28 -1.33 -12.45
CA LEU B 24 13.70 -1.63 -12.37
C LEU B 24 14.34 -1.82 -13.73
N ASP B 25 13.56 -1.64 -14.81
CA ASP B 25 14.02 -1.77 -16.20
C ASP B 25 14.34 -3.21 -16.58
N ILE B 26 13.76 -4.18 -15.89
CA ILE B 26 13.89 -5.56 -16.31
C ILE B 26 13.19 -5.71 -17.66
N ASP B 27 13.87 -6.34 -18.62
CA ASP B 27 13.32 -6.38 -19.97
C ASP B 27 12.06 -7.25 -20.08
N PHE B 28 11.32 -7.03 -21.17
CA PHE B 28 10.06 -7.74 -21.38
C PHE B 28 10.24 -9.25 -21.35
N ALA B 29 11.25 -9.78 -22.07
CA ALA B 29 11.39 -11.23 -22.14
C ALA B 29 11.57 -11.83 -20.76
N THR B 30 12.34 -11.16 -19.92
CA THR B 30 12.56 -11.61 -18.56
C THR B 30 11.30 -11.48 -17.71
N ARG B 31 10.58 -10.36 -17.81
CA ARG B 31 9.35 -10.20 -17.03
C ARG B 31 8.32 -11.26 -17.38
N LYS B 32 8.25 -11.63 -18.67
CA LYS B 32 7.22 -12.55 -19.14
C LYS B 32 7.36 -13.91 -18.45
N ILE B 33 8.61 -14.37 -18.27
CA ILE B 33 8.86 -15.62 -17.56
C ILE B 33 8.70 -15.42 -16.06
N ALA B 34 9.32 -14.37 -15.54
CA ALA B 34 9.44 -14.16 -14.11
C ALA B 34 8.10 -13.97 -13.41
N VAL B 35 7.11 -13.36 -14.07
CA VAL B 35 5.85 -13.06 -13.40
C VAL B 35 5.10 -14.34 -13.00
N ARG B 36 5.38 -15.46 -13.67
CA ARG B 36 4.67 -16.71 -13.42
C ARG B 36 5.36 -17.62 -12.41
N LEU B 37 6.51 -17.24 -11.87
CA LEU B 37 7.28 -18.16 -11.04
C LEU B 37 6.84 -18.09 -9.60
N THR B 38 6.88 -19.25 -8.95
CA THR B 38 6.73 -19.33 -7.51
CA THR B 38 6.73 -19.36 -7.51
C THR B 38 8.08 -19.23 -6.84
N GLN B 39 8.23 -18.25 -5.96
CA GLN B 39 9.49 -18.01 -5.28
C GLN B 39 9.47 -18.67 -3.91
N THR B 40 10.66 -19.04 -3.41
CA THR B 40 10.84 -19.51 -2.04
C THR B 40 11.83 -18.59 -1.35
N LYS B 41 11.60 -18.33 -0.06
CA LYS B 41 12.50 -17.54 0.75
C LYS B 41 12.96 -18.40 1.93
N VAL B 42 14.28 -18.46 2.13
CA VAL B 42 14.89 -19.14 3.27
C VAL B 42 15.56 -18.07 4.10
N ILE B 43 15.19 -17.99 5.37
CA ILE B 43 15.71 -16.98 6.30
C ILE B 43 16.31 -17.70 7.50
N ASP B 44 17.59 -17.42 7.74
CA ASP B 44 18.33 -17.89 8.91
C ASP B 44 18.65 -16.64 9.72
N GLN B 45 17.96 -16.46 10.84
CA GLN B 45 18.02 -15.22 11.61
C GLN B 45 18.48 -15.52 13.04
N ASP B 46 19.50 -14.78 13.49
CA ASP B 46 20.05 -14.87 14.86
C ASP B 46 20.01 -13.46 15.42
N GLY B 47 18.94 -13.15 16.13
CA GLY B 47 18.76 -11.80 16.62
C GLY B 47 18.58 -10.83 15.48
N ASP B 48 19.53 -9.90 15.33
CA ASP B 48 19.51 -8.93 14.26
C ASP B 48 20.40 -9.34 13.07
N ASN B 49 20.96 -10.54 13.09
CA ASN B 49 21.80 -11.03 12.00
C ASN B 49 20.98 -11.94 11.09
N PHE B 50 20.89 -11.58 9.82
CA PHE B 50 20.09 -12.30 8.83
C PHE B 50 20.97 -12.86 7.73
N LYS B 51 20.73 -14.12 7.37
CA LYS B 51 21.23 -14.71 6.14
C LYS B 51 20.01 -15.16 5.34
N THR B 52 19.82 -14.58 4.15
CA THR B 52 18.58 -14.77 3.41
C THR B 52 18.85 -15.25 2.00
N LYS B 53 17.92 -16.06 1.51
CA LYS B 53 17.94 -16.56 0.14
C LYS B 53 16.55 -16.40 -0.46
N THR B 54 16.51 -16.00 -1.73
CA THR B 54 15.28 -16.01 -2.50
C THR B 54 15.56 -16.87 -3.72
N THR B 55 14.78 -17.92 -3.90
CA THR B 55 15.09 -18.92 -4.91
C THR B 55 13.89 -19.17 -5.81
N SER B 56 14.20 -19.65 -7.01
CA SER B 56 13.21 -19.99 -8.02
C SER B 56 13.88 -20.83 -9.08
N THR B 57 13.09 -21.30 -10.04
CA THR B 57 13.64 -22.06 -11.17
C THR B 57 14.51 -21.24 -12.11
N PHE B 58 14.43 -19.90 -12.07
CA PHE B 58 15.00 -19.00 -13.08
C PHE B 58 16.12 -18.11 -12.55
N ARG B 59 16.01 -17.66 -11.31
CA ARG B 59 17.01 -16.82 -10.66
C ARG B 59 17.05 -17.18 -9.18
N ASN B 60 18.22 -17.01 -8.59
CA ASN B 60 18.43 -17.14 -7.15
C ASN B 60 19.21 -15.93 -6.68
N TYR B 61 18.93 -15.49 -5.45
CA TYR B 61 19.55 -14.26 -4.96
C TYR B 61 19.72 -14.35 -3.45
N ASP B 62 20.96 -14.21 -2.98
CA ASP B 62 21.28 -14.25 -1.56
C ASP B 62 21.65 -12.86 -1.07
N VAL B 63 21.21 -12.52 0.14
N VAL B 63 21.17 -12.53 0.12
CA VAL B 63 21.63 -11.27 0.76
CA VAL B 63 21.50 -11.29 0.81
C VAL B 63 21.65 -11.44 2.27
C VAL B 63 21.71 -11.61 2.29
N ASP B 64 22.79 -11.10 2.87
CA ASP B 64 23.03 -11.21 4.30
C ASP B 64 23.20 -9.81 4.84
N PHE B 65 22.71 -9.56 6.06
CA PHE B 65 22.81 -8.25 6.68
C PHE B 65 22.57 -8.32 8.18
N THR B 66 23.04 -7.27 8.86
CA THR B 66 22.72 -7.02 10.25
C THR B 66 21.87 -5.76 10.33
N VAL B 67 20.75 -5.84 11.06
CA VAL B 67 19.90 -4.68 11.23
C VAL B 67 20.74 -3.53 11.79
N GLY B 68 20.61 -2.36 11.19
CA GLY B 68 21.29 -1.17 11.65
C GLY B 68 22.65 -0.93 11.05
N VAL B 69 23.16 -1.85 10.24
CA VAL B 69 24.47 -1.77 9.63
C VAL B 69 24.29 -1.63 8.12
N GLU B 70 24.59 -0.45 7.59
CA GLU B 70 24.48 -0.22 6.17
C GLU B 70 25.46 -1.11 5.43
N PHE B 71 25.06 -1.60 4.26
CA PHE B 71 25.90 -2.52 3.49
C PHE B 71 25.77 -2.29 1.98
N ASP B 72 26.77 -2.75 1.24
CA ASP B 72 26.75 -2.71 -0.22
C ASP B 72 25.95 -3.88 -0.73
N GLU B 73 24.93 -3.59 -1.53
CA GLU B 73 24.10 -4.61 -2.14
C GLU B 73 24.24 -4.46 -3.65
N TYR B 74 24.65 -5.54 -4.29
CA TYR B 74 24.73 -5.64 -5.74
C TYR B 74 23.69 -6.67 -6.15
N THR B 75 22.70 -6.23 -6.93
CA THR B 75 21.55 -7.09 -7.25
C THR B 75 21.86 -8.02 -8.42
N LYS B 76 22.85 -8.88 -8.18
CA LYS B 76 23.41 -9.75 -9.20
C LYS B 76 22.34 -10.68 -9.78
N SER B 77 22.22 -10.66 -11.12
CA SER B 77 21.32 -11.48 -11.94
C SER B 77 19.89 -10.91 -11.94
N LEU B 78 19.62 -9.83 -11.21
CA LEU B 78 18.32 -9.19 -11.17
C LEU B 78 18.42 -7.95 -12.06
N ASP B 79 18.48 -6.74 -11.50
CA ASP B 79 18.77 -5.56 -12.29
C ASP B 79 20.25 -5.19 -12.31
N ASN B 80 21.10 -5.94 -11.59
CA ASN B 80 22.55 -5.77 -11.66
C ASN B 80 22.99 -4.35 -11.34
N ARG B 81 22.44 -3.80 -10.27
CA ARG B 81 22.80 -2.47 -9.80
C ARG B 81 23.40 -2.56 -8.41
N HIS B 82 24.21 -1.56 -8.07
CA HIS B 82 24.71 -1.38 -6.71
C HIS B 82 23.83 -0.39 -5.97
N VAL B 83 23.41 -0.75 -4.76
CA VAL B 83 22.74 0.17 -3.86
C VAL B 83 23.43 0.10 -2.50
N LYS B 84 23.28 1.17 -1.72
CA LYS B 84 23.62 1.14 -0.30
C LYS B 84 22.35 0.86 0.47
N ALA B 85 22.29 -0.30 1.11
CA ALA B 85 21.08 -0.75 1.79
C ALA B 85 21.23 -0.59 3.29
N LEU B 86 20.14 -0.22 3.95
CA LEU B 86 20.08 -0.14 5.41
C LEU B 86 18.76 -0.74 5.88
N VAL B 87 18.84 -1.73 6.78
CA VAL B 87 17.69 -2.42 7.32
C VAL B 87 17.50 -1.98 8.77
N THR B 88 16.24 -1.65 9.13
CA THR B 88 15.85 -1.23 10.45
C THR B 88 14.58 -1.96 10.86
N TRP B 89 14.26 -1.91 12.15
CA TRP B 89 12.97 -2.35 12.66
C TRP B 89 12.07 -1.15 12.90
N GLU B 90 10.81 -1.26 12.49
CA GLU B 90 9.74 -0.35 12.91
C GLU B 90 8.69 -1.24 13.59
N GLY B 91 8.74 -1.31 14.92
CA GLY B 91 7.97 -2.32 15.60
C GLY B 91 8.49 -3.68 15.17
N ASP B 92 7.59 -4.54 14.69
CA ASP B 92 7.98 -5.84 14.18
C ASP B 92 8.06 -5.86 12.65
N VAL B 93 8.08 -4.69 12.01
CA VAL B 93 8.24 -4.60 10.56
C VAL B 93 9.71 -4.39 10.24
N LEU B 94 10.26 -5.25 9.38
CA LEU B 94 11.63 -5.13 8.89
C LEU B 94 11.60 -4.20 7.67
N VAL B 95 12.33 -3.09 7.75
CA VAL B 95 12.29 -2.01 6.76
C VAL B 95 13.67 -1.86 6.12
N CYS B 96 13.71 -1.80 4.80
CA CYS B 96 14.96 -1.62 4.07
C CYS B 96 14.85 -0.44 3.12
N VAL B 97 15.83 0.45 3.17
CA VAL B 97 15.99 1.53 2.19
C VAL B 97 17.21 1.21 1.34
N GLN B 98 17.04 1.22 0.01
CA GLN B 98 18.12 0.90 -0.93
C GLN B 98 18.46 2.17 -1.69
N LYS B 99 19.48 2.89 -1.21
CA LYS B 99 19.85 4.17 -1.80
C LYS B 99 20.69 3.95 -3.05
N GLY B 100 20.29 4.57 -4.14
CA GLY B 100 20.98 4.39 -5.40
C GLY B 100 20.33 5.12 -6.54
N GLU B 101 20.49 4.60 -7.76
CA GLU B 101 19.98 5.32 -8.92
C GLU B 101 18.46 5.48 -8.87
N LYS B 102 17.72 4.46 -8.47
CA LYS B 102 16.27 4.55 -8.46
C LYS B 102 15.79 5.26 -7.19
N GLU B 103 14.95 6.27 -7.38
CA GLU B 103 14.30 6.93 -6.25
C GLU B 103 13.26 6.00 -5.64
N ASN B 104 13.12 6.11 -4.33
CA ASN B 104 12.07 5.40 -3.59
C ASN B 104 12.15 3.90 -3.81
N ARG B 105 13.34 3.34 -3.58
CA ARG B 105 13.57 1.90 -3.73
C ARG B 105 13.81 1.32 -2.35
N GLY B 106 13.04 0.28 -2.01
CA GLY B 106 13.19 -0.36 -0.72
C GLY B 106 12.20 -1.48 -0.57
N TRP B 107 12.11 -1.99 0.66
CA TRP B 107 11.15 -3.06 0.91
C TRP B 107 10.82 -3.10 2.39
N LYS B 108 9.73 -3.77 2.70
CA LYS B 108 9.27 -4.00 4.07
C LYS B 108 8.77 -5.43 4.18
N GLN B 109 9.09 -6.10 5.27
CA GLN B 109 8.83 -7.53 5.41
C GLN B 109 8.40 -7.81 6.84
N TRP B 110 7.30 -8.52 7.00
CA TRP B 110 6.80 -8.81 8.34
C TRP B 110 6.06 -10.15 8.39
N ILE B 111 5.93 -10.67 9.62
CA ILE B 111 5.34 -11.98 9.87
C ILE B 111 4.00 -11.78 10.57
N GLU B 112 3.00 -12.56 10.17
CA GLU B 112 1.80 -12.71 10.98
C GLU B 112 1.34 -14.15 10.89
N GLY B 113 1.33 -14.84 12.03
CA GLY B 113 0.95 -16.23 12.02
C GLY B 113 1.99 -17.03 11.27
N ASP B 114 1.55 -17.87 10.34
CA ASP B 114 2.48 -18.64 9.53
C ASP B 114 2.67 -18.04 8.15
N LYS B 115 2.42 -16.73 8.02
CA LYS B 115 2.54 -16.01 6.75
C LYS B 115 3.60 -14.92 6.86
N LEU B 116 4.34 -14.74 5.77
CA LEU B 116 5.30 -13.67 5.62
C LEU B 116 4.80 -12.76 4.50
N TYR B 117 4.81 -11.45 4.77
CA TYR B 117 4.35 -10.41 3.87
C TYR B 117 5.55 -9.59 3.43
N LEU B 118 5.67 -9.38 2.12
CA LEU B 118 6.79 -8.63 1.57
C LEU B 118 6.25 -7.57 0.63
N GLU B 119 6.62 -6.32 0.90
CA GLU B 119 6.21 -5.16 0.14
C GLU B 119 7.46 -4.62 -0.55
N LEU B 120 7.53 -4.79 -1.86
CA LEU B 120 8.67 -4.37 -2.68
C LEU B 120 8.31 -3.06 -3.40
N THR B 121 9.11 -2.02 -3.23
CA THR B 121 8.83 -0.71 -3.78
C THR B 121 9.96 -0.21 -4.66
N CYS B 122 9.59 0.37 -5.80
CA CYS B 122 10.53 1.08 -6.66
C CYS B 122 9.76 2.18 -7.38
N GLY B 123 10.11 3.42 -7.07
CA GLY B 123 9.43 4.53 -7.74
C GLY B 123 7.95 4.51 -7.43
N ASP B 124 7.13 4.54 -8.47
CA ASP B 124 5.68 4.56 -8.30
C ASP B 124 5.06 3.19 -8.38
N GLN B 125 5.86 2.12 -8.28
CA GLN B 125 5.33 0.76 -8.38
C GLN B 125 5.61 0.00 -7.09
N VAL B 126 4.58 -0.59 -6.51
CA VAL B 126 4.71 -1.43 -5.33
C VAL B 126 4.17 -2.82 -5.63
N CYS B 127 4.92 -3.85 -5.25
CA CYS B 127 4.54 -5.24 -5.36
C CYS B 127 4.29 -5.81 -3.96
N ARG B 128 3.18 -6.55 -3.80
CA ARG B 128 2.84 -7.23 -2.54
C ARG B 128 2.94 -8.74 -2.76
N GLN B 129 3.77 -9.39 -1.97
CA GLN B 129 3.92 -10.83 -2.00
C GLN B 129 3.53 -11.42 -0.64
N VAL B 130 2.93 -12.61 -0.68
CA VAL B 130 2.60 -13.35 0.53
C VAL B 130 3.20 -14.74 0.40
N PHE B 131 3.84 -15.20 1.48
CA PHE B 131 4.47 -16.51 1.55
C PHE B 131 3.92 -17.26 2.75
N LYS B 132 3.80 -18.57 2.61
CA LYS B 132 3.36 -19.43 3.70
C LYS B 132 4.53 -20.27 4.20
N LYS B 133 4.66 -20.39 5.53
CA LYS B 133 5.74 -21.14 6.14
C LYS B 133 5.64 -22.63 5.80
N LYS B 134 6.74 -23.20 5.35
CA LYS B 134 6.79 -24.62 5.04
C LYS B 134 7.31 -25.41 6.24
N LEU B 135 6.70 -26.55 6.50
CA LEU B 135 7.17 -27.45 7.55
C LEU B 135 8.39 -28.23 7.05
N VAL B 136 9.55 -27.93 7.61
CA VAL B 136 10.81 -28.56 7.21
C VAL B 136 11.55 -28.99 8.45
N PRO B 137 12.57 -29.85 8.30
CA PRO B 137 13.21 -30.30 9.53
C PRO B 137 14.09 -29.26 10.23
C10 E7Y C . -10.27 9.00 -0.60
C10 E7Y C . -10.10 9.69 -0.89
C11 E7Y C . -8.24 6.88 3.95
C11 E7Y C . -8.41 7.37 3.86
C12 E7Y C . -6.78 6.51 3.64
C12 E7Y C . -6.97 7.00 3.44
C13 E7Y C . -6.71 5.52 2.49
C13 E7Y C . -6.93 5.73 2.58
C15 E7Y C . -5.29 3.85 3.75
C15 E7Y C . -5.37 4.45 4.11
C16 E7Y C . -3.80 3.65 3.41
C16 E7Y C . -3.89 4.24 3.74
C19 E7Y C . -1.87 5.96 5.58
C19 E7Y C . -2.02 6.45 6.01
C21 E7Y C . -3.61 7.76 5.90
C21 E7Y C . -3.70 8.10 6.92
C22 E7Y C . -3.64 9.25 5.58
C22 E7Y C . -3.86 9.60 6.79
C23 E7Y C . -5.04 9.84 5.66
C23 E7Y C . -5.27 9.98 6.30
C25 E7Y C . -5.06 11.58 3.77
C25 E7Y C . -5.05 11.38 4.18
C18 E7Y C . -2.91 4.84 5.48
C18 E7Y C . -3.06 5.35 5.84
C20 E7Y C . -2.17 7.23 5.78
C20 E7Y C . -2.30 7.65 6.49
N01 E7Y C . -11.37 9.87 -0.23
N01 E7Y C . -11.11 10.69 -0.68
O02 E7Y C . -10.07 8.80 -1.75
O02 E7Y C . -10.00 9.21 -1.97
C03 E7Y C . -12.20 10.49 -1.25
C03 E7Y C . -11.99 11.07 -1.78
C04 E7Y C . -11.68 11.88 -1.61
C04 E7Y C . -13.40 11.20 -1.23
O05 E7Y C . -12.50 12.41 -2.61
O05 E7Y C . -13.33 11.90 -0.01
C06 E7Y C . -8.83 7.96 3.47
C06 E7Y C . -9.03 8.49 3.51
C07 E7Y C . -8.12 8.95 2.57
C07 E7Y C . -8.42 9.60 2.65
C08 E7Y C . -9.06 9.48 1.50
C08 E7Y C . -9.36 10.10 1.57
C09 E7Y C . -9.43 8.39 0.51
C09 E7Y C . -9.17 9.29 0.27
C14 E7Y C . -6.06 4.36 2.53
C14 E7Y C . -6.24 4.63 2.87
C17 E7Y C . -2.79 4.08 4.16
C17 E7Y C . -2.88 4.63 4.49
C24 E7Y C . -5.10 11.32 5.28
C24 E7Y C . -5.29 11.37 5.70
C1 PEG D . -4.74 15.34 -7.78
O1 PEG D . -4.81 16.45 -8.65
C2 PEG D . -4.91 14.04 -8.58
O2 PEG D . -6.26 13.84 -8.92
C3 PEG D . -6.56 13.11 -10.10
C4 PEG D . -5.62 11.93 -10.36
O4 PEG D . -5.66 11.04 -9.26
C1 PEG E . -22.13 22.64 -6.87
O1 PEG E . -21.36 23.56 -7.59
C2 PEG E . -23.48 22.49 -7.57
O2 PEG E . -24.31 21.58 -6.88
C3 PEG E . -24.00 20.23 -7.05
C4 PEG E . -24.45 19.71 -8.42
O4 PEG E . -23.63 18.63 -8.79
C10 E7Y F . 15.12 -9.07 -1.79
C10 E7Y F . 14.99 -8.75 -1.49
C11 E7Y F . 12.79 -9.44 -7.13
C11 E7Y F . 13.03 -9.58 -6.80
C12 E7Y F . 14.13 -8.90 -7.62
C12 E7Y F . 14.24 -8.94 -7.48
C13 E7Y F . 14.05 -7.75 -8.64
C13 E7Y F . 13.94 -7.80 -8.47
C15 E7Y F . 13.56 -9.28 -10.60
C15 E7Y F . 13.51 -9.37 -10.41
C16 E7Y F . 14.53 -9.58 -11.75
C16 E7Y F . 14.49 -9.55 -11.59
C19 E7Y F . 13.54 -13.00 -12.57
C19 E7Y F . 13.57 -12.96 -12.53
C21 E7Y F . 12.05 -13.66 -10.61
C21 E7Y F . 12.06 -13.66 -10.62
C22 E7Y F . 12.38 -14.49 -9.38
C22 E7Y F . 12.38 -14.50 -9.39
C23 E7Y F . 13.50 -13.81 -8.61
C23 E7Y F . 13.50 -13.81 -8.61
C25 E7Y F . 15.28 -14.00 -6.83
C25 E7Y F . 15.27 -14.01 -6.83
C18 E7Y F . 13.14 -11.52 -12.53
C18 E7Y F . 13.14 -11.49 -12.50
C20 E7Y F . 13.06 -13.92 -11.73
C20 E7Y F . 13.10 -13.89 -11.72
N01 E7Y F . 14.07 -9.42 -0.86
N01 E7Y F . 14.78 -8.74 -0.06
O02 E7Y F . 15.89 -8.19 -1.53
O02 E7Y F . 15.54 -7.81 -1.97
C03 E7Y F . 13.92 -8.64 0.37
C03 E7Y F . 14.11 -9.81 0.65
C04 E7Y F . 13.98 -9.49 1.62
C04 E7Y F . 15.11 -10.68 1.42
O05 E7Y F . 13.08 -10.55 1.42
O05 E7Y F . 16.27 -10.89 0.65
C06 E7Y F . 12.69 -10.18 -6.02
C06 E7Y F . 12.79 -9.50 -5.49
C07 E7Y F . 13.89 -10.54 -5.14
C07 E7Y F . 13.66 -8.73 -4.50
C08 E7Y F . 14.11 -9.49 -4.05
C08 E7Y F . 14.76 -9.61 -3.88
C09 E7Y F . 15.19 -9.90 -3.05
C09 E7Y F . 14.56 -9.90 -2.40
C14 E7Y F . 13.82 -7.92 -9.94
C14 E7Y F . 13.64 -7.99 -9.75
C17 E7Y F . 14.34 -10.57 -12.60
C17 E7Y F . 14.32 -10.50 -12.50
C24 E7Y F . 14.06 -14.68 -7.49
C24 E7Y F . 14.06 -14.68 -7.49
#